data_6V7S
#
_entry.id   6V7S
#
_cell.length_a   38.294
_cell.length_b   38.457
_cell.length_c   120.947
_cell.angle_alpha   90.000
_cell.angle_beta   90.000
_cell.angle_gamma   90.000
#
_symmetry.space_group_name_H-M   'P 21 21 21'
#
loop_
_entity.id
_entity.type
_entity.pdbx_description
1 polymer 'Small ubiquitin-related modifier 1'
2 polymer 'Protein PIAS'
3 water water
#
loop_
_entity_poly.entity_id
_entity_poly.type
_entity_poly.pdbx_seq_one_letter_code
_entity_poly.pdbx_strand_id
1 'polypeptide(L)'
;GSKEGEYIKLKVIGQDSSEIHF(ALY)VKMTTHLKKLKESYAQRQGVPMNSLRFLFEGQRIADNHTPKELGMEEEDVIEV
YQEQTGG
;
C,A
2 'polypeptide(L)' GSGEAEERII(SEP)LD D,B
#
# COMPACT_ATOMS: atom_id res chain seq x y z
N TYR A 7 -15.98 1.05 -9.60
CA TYR A 7 -16.09 1.24 -8.17
C TYR A 7 -17.09 0.26 -7.56
N ILE A 8 -16.90 -0.03 -6.27
CA ILE A 8 -17.88 -0.78 -5.50
C ILE A 8 -17.96 -0.20 -4.10
N LYS A 9 -19.10 -0.43 -3.47
CA LYS A 9 -19.31 -0.03 -2.09
C LYS A 9 -19.13 -1.26 -1.21
N LEU A 10 -18.35 -1.10 -0.16
CA LEU A 10 -18.06 -2.13 0.81
C LEU A 10 -18.57 -1.67 2.18
N LYS A 11 -19.10 -2.60 2.96
CA LYS A 11 -19.63 -2.31 4.28
C LYS A 11 -18.65 -2.84 5.32
N VAL A 12 -18.13 -1.97 6.16
CA VAL A 12 -17.17 -2.33 7.20
C VAL A 12 -17.92 -2.37 8.52
N ILE A 13 -18.01 -3.57 9.08
CA ILE A 13 -18.83 -3.88 10.23
C ILE A 13 -17.94 -4.11 11.42
N GLY A 14 -18.20 -3.36 12.49
CA GLY A 14 -17.40 -3.45 13.70
C GLY A 14 -17.97 -4.39 14.72
N GLN A 15 -17.23 -4.59 15.80
CA GLN A 15 -17.58 -5.58 16.82
C GLN A 15 -18.87 -5.18 17.52
N ASP A 16 -19.19 -3.89 17.48
CA ASP A 16 -20.41 -3.37 18.06
C ASP A 16 -21.56 -3.29 17.08
N SER A 17 -21.42 -3.87 15.90
CA SER A 17 -22.47 -3.95 14.89
C SER A 17 -22.63 -2.64 14.13
N SER A 18 -21.82 -1.62 14.39
CA SER A 18 -21.90 -0.40 13.61
C SER A 18 -21.34 -0.64 12.21
N GLU A 19 -21.66 0.26 11.28
CA GLU A 19 -21.17 0.14 9.93
C GLU A 19 -20.67 1.46 9.40
N ILE A 20 -19.54 1.43 8.71
CA ILE A 20 -19.10 2.53 7.85
C ILE A 20 -18.89 1.94 6.47
N HIS A 21 -19.49 2.57 5.47
CA HIS A 21 -19.41 2.11 4.08
C HIS A 21 -18.40 2.93 3.31
N PHE A 22 -17.71 2.27 2.38
CA PHE A 22 -16.66 2.89 1.59
C PHE A 22 -16.87 2.59 0.11
N VAL A 24 -14.88 2.41 -3.16
CA VAL A 24 -13.51 2.22 -3.57
C VAL A 24 -13.42 1.66 -4.98
N LYS A 25 -12.28 1.83 -5.60
CA LYS A 25 -12.00 1.21 -6.85
C LYS A 25 -11.60 -0.24 -6.71
N MET A 26 -11.95 -1.03 -7.70
CA MET A 26 -11.61 -2.45 -7.68
C MET A 26 -10.12 -2.68 -7.63
N THR A 27 -9.33 -1.70 -8.06
CA THR A 27 -7.89 -1.84 -8.13
C THR A 27 -7.16 -1.14 -7.00
N THR A 28 -7.90 -0.50 -6.09
CA THR A 28 -7.27 0.23 -5.00
C THR A 28 -6.75 -0.71 -3.94
N HIS A 29 -5.51 -0.45 -3.51
CA HIS A 29 -4.94 -1.16 -2.37
C HIS A 29 -5.67 -0.75 -1.10
N LEU A 30 -6.05 -1.72 -0.30
CA LEU A 30 -7.02 -1.47 0.76
C LEU A 30 -6.42 -0.86 2.02
N LYS A 31 -5.13 -0.61 2.07
CA LYS A 31 -4.55 0.13 3.19
C LYS A 31 -5.31 1.43 3.45
N LYS A 32 -5.65 2.17 2.39
CA LYS A 32 -6.33 3.46 2.57
C LYS A 32 -7.67 3.28 3.29
N LEU A 33 -8.41 2.22 2.95
CA LEU A 33 -9.67 1.96 3.64
C LEU A 33 -9.42 1.65 5.11
N LYS A 34 -8.41 0.82 5.39
CA LYS A 34 -8.07 0.48 6.76
C LYS A 34 -7.74 1.71 7.58
N GLU A 35 -6.92 2.57 7.03
CA GLU A 35 -6.52 3.76 7.71
C GLU A 35 -7.65 4.72 7.96
N SER A 36 -8.51 4.86 6.98
CA SER A 36 -9.65 5.75 7.15
C SER A 36 -10.60 5.21 8.21
N TYR A 37 -10.88 3.90 8.19
CA TYR A 37 -11.75 3.33 9.20
C TYR A 37 -11.15 3.52 10.61
N ALA A 38 -9.87 3.21 10.79
CA ALA A 38 -9.27 3.35 12.12
C ALA A 38 -9.30 4.80 12.58
N GLN A 39 -9.05 5.73 11.66
CA GLN A 39 -9.13 7.14 12.01
C GLN A 39 -10.50 7.50 12.53
N ARG A 40 -11.56 7.03 11.87
CA ARG A 40 -12.91 7.35 12.30
CA ARG A 40 -12.90 7.35 12.30
C ARG A 40 -13.28 6.66 13.61
N GLN A 41 -12.69 5.51 13.91
CA GLN A 41 -12.90 4.89 15.21
C GLN A 41 -12.01 5.49 16.30
N GLY A 42 -11.05 6.34 15.96
CA GLY A 42 -10.16 6.93 16.93
C GLY A 42 -9.18 5.97 17.55
N VAL A 43 -8.71 4.97 16.79
CA VAL A 43 -7.75 3.99 17.29
C VAL A 43 -6.64 3.80 16.27
N PRO A 44 -5.49 3.28 16.70
CA PRO A 44 -4.40 3.03 15.76
C PRO A 44 -4.77 1.92 14.79
N MET A 45 -4.35 2.09 13.54
CA MET A 45 -4.64 1.08 12.53
C MET A 45 -4.12 -0.28 12.96
N ASN A 46 -2.94 -0.32 13.60
CA ASN A 46 -2.38 -1.61 13.97
C ASN A 46 -3.10 -2.27 15.14
N SER A 47 -4.11 -1.64 15.73
CA SER A 47 -4.87 -2.26 16.79
C SER A 47 -6.04 -3.08 16.26
N LEU A 48 -6.27 -3.06 14.95
CA LEU A 48 -7.40 -3.71 14.31
C LEU A 48 -6.90 -4.70 13.29
N ARG A 49 -7.74 -5.70 13.00
CA ARG A 49 -7.56 -6.57 11.85
C ARG A 49 -8.85 -6.57 11.04
N PHE A 50 -8.70 -6.61 9.73
CA PHE A 50 -9.81 -6.45 8.79
C PHE A 50 -9.91 -7.77 8.03
N LEU A 51 -11.08 -8.40 8.06
CA LEU A 51 -11.26 -9.70 7.46
C LEU A 51 -12.33 -9.67 6.38
N PHE A 52 -12.09 -10.42 5.31
CA PHE A 52 -13.08 -10.69 4.29
C PHE A 52 -13.26 -12.19 4.22
N GLU A 53 -14.48 -12.65 4.47
CA GLU A 53 -14.78 -14.08 4.53
C GLU A 53 -13.81 -14.76 5.52
N GLY A 54 -13.52 -14.04 6.61
CA GLY A 54 -12.70 -14.57 7.68
C GLY A 54 -11.21 -14.49 7.45
N GLN A 55 -10.78 -14.05 6.27
CA GLN A 55 -9.36 -14.03 5.96
C GLN A 55 -8.83 -12.60 6.00
N ARG A 56 -7.59 -12.48 6.41
CA ARG A 56 -7.03 -11.17 6.65
C ARG A 56 -6.77 -10.41 5.36
N ILE A 57 -7.20 -9.16 5.35
CA ILE A 57 -6.97 -8.24 4.24
C ILE A 57 -5.65 -7.56 4.50
N ALA A 58 -4.71 -7.73 3.57
CA ALA A 58 -3.43 -7.06 3.67
C ALA A 58 -3.53 -5.65 3.13
N ASP A 59 -2.54 -4.84 3.48
CA ASP A 59 -2.51 -3.46 3.05
C ASP A 59 -2.47 -3.35 1.52
N ASN A 60 -1.89 -4.33 0.85
CA ASN A 60 -1.74 -4.28 -0.60
C ASN A 60 -2.76 -5.13 -1.35
N HIS A 61 -3.72 -5.72 -0.66
CA HIS A 61 -4.81 -6.39 -1.32
C HIS A 61 -5.75 -5.40 -2.01
N THR A 62 -6.33 -5.83 -3.12
CA THR A 62 -7.37 -5.10 -3.82
C THR A 62 -8.69 -5.85 -3.80
N PRO A 63 -9.81 -5.14 -3.95
CA PRO A 63 -11.09 -5.83 -4.06
C PRO A 63 -11.09 -6.84 -5.18
N LYS A 64 -10.48 -6.50 -6.31
CA LYS A 64 -10.40 -7.43 -7.44
C LYS A 64 -9.71 -8.73 -7.03
N GLU A 65 -8.56 -8.63 -6.36
CA GLU A 65 -7.82 -9.83 -5.95
C GLU A 65 -8.61 -10.67 -4.98
N LEU A 66 -9.36 -10.03 -4.08
CA LEU A 66 -10.09 -10.77 -3.07
C LEU A 66 -11.44 -11.28 -3.57
N GLY A 67 -11.86 -10.87 -4.76
CA GLY A 67 -13.14 -11.33 -5.27
C GLY A 67 -14.31 -10.60 -4.69
N MET A 68 -14.11 -9.39 -4.23
CA MET A 68 -15.18 -8.61 -3.62
C MET A 68 -16.16 -8.10 -4.64
N GLU A 69 -17.41 -7.99 -4.20
CA GLU A 69 -18.53 -7.54 -5.01
C GLU A 69 -19.27 -6.44 -4.28
N GLU A 70 -20.09 -5.70 -5.03
CA GLU A 70 -20.89 -4.63 -4.47
C GLU A 70 -21.60 -5.07 -3.20
N GLU A 71 -21.46 -4.24 -2.18
CA GLU A 71 -22.09 -4.37 -0.86
C GLU A 71 -21.54 -5.52 -0.02
N ASP A 72 -20.43 -6.14 -0.42
CA ASP A 72 -19.79 -7.13 0.42
C ASP A 72 -19.35 -6.52 1.75
N VAL A 73 -19.23 -7.41 2.75
CA VAL A 73 -18.89 -7.05 4.12
C VAL A 73 -17.43 -7.29 4.40
N ILE A 74 -16.80 -6.31 5.06
CA ILE A 74 -15.51 -6.46 5.73
C ILE A 74 -15.80 -6.43 7.21
N GLU A 75 -15.29 -7.41 7.96
CA GLU A 75 -15.45 -7.39 9.39
C GLU A 75 -14.19 -6.87 10.03
N VAL A 76 -14.33 -6.06 11.08
CA VAL A 76 -13.20 -5.57 11.85
C VAL A 76 -13.23 -6.20 13.23
N TYR A 77 -12.10 -6.74 13.63
CA TYR A 77 -11.89 -7.31 14.94
C TYR A 77 -10.70 -6.59 15.55
N GLN A 78 -10.62 -6.63 16.89
CA GLN A 78 -9.37 -6.25 17.55
C GLN A 78 -8.27 -7.17 17.06
N GLU A 79 -7.09 -6.62 16.87
CA GLU A 79 -5.95 -7.42 16.50
C GLU A 79 -5.72 -8.50 17.55
N GLY B 3 -29.69 5.17 19.60
CA GLY B 3 -30.64 5.18 18.50
C GLY B 3 -30.10 4.62 17.21
N GLU B 4 -30.74 4.99 16.10
CA GLU B 4 -30.42 4.45 14.79
C GLU B 4 -29.36 5.33 14.12
N ALA B 5 -28.24 4.72 13.74
CA ALA B 5 -27.21 5.47 13.05
C ALA B 5 -27.67 5.87 11.66
N GLU B 6 -27.20 7.01 11.20
CA GLU B 6 -27.39 7.39 9.82
C GLU B 6 -26.43 6.64 8.93
N GLU B 7 -26.74 6.59 7.63
CA GLU B 7 -25.85 6.02 6.65
C GLU B 7 -24.57 6.84 6.54
N ARG B 8 -23.44 6.13 6.49
CA ARG B 8 -22.13 6.73 6.37
C ARG B 8 -21.44 6.08 5.18
N ILE B 9 -21.16 6.88 4.15
CA ILE B 9 -20.38 6.42 3.01
C ILE B 9 -19.22 7.37 2.81
N ILE B 10 -18.01 6.80 2.75
CA ILE B 10 -16.79 7.57 2.53
CA ILE B 10 -16.79 7.56 2.53
C ILE B 10 -16.20 7.15 1.19
N LEU B 12 -13.03 6.93 -1.32
CA LEU B 12 -11.57 6.95 -1.32
C LEU B 12 -11.01 6.97 -2.75
N LYS C 3 -0.97 -14.49 3.34
CA LYS C 3 -1.49 -14.03 2.07
C LYS C 3 -1.51 -12.50 1.98
N GLU C 4 -1.05 -11.99 0.87
CA GLU C 4 -1.14 -10.59 0.53
C GLU C 4 -1.27 -10.31 -0.94
N GLY C 5 -1.31 -9.05 -1.29
CA GLY C 5 -1.55 -8.71 -2.67
C GLY C 5 -0.39 -9.08 -3.58
N GLU C 6 -0.69 -9.07 -4.87
CA GLU C 6 0.31 -9.34 -5.91
C GLU C 6 1.31 -8.21 -6.08
N TYR C 7 0.91 -6.97 -5.81
CA TYR C 7 1.74 -5.80 -6.04
C TYR C 7 1.83 -4.99 -4.76
N ILE C 8 2.91 -4.22 -4.64
CA ILE C 8 3.04 -3.23 -3.59
C ILE C 8 3.39 -1.88 -4.22
N LYS C 9 2.98 -0.81 -3.55
CA LYS C 9 3.48 0.52 -3.85
C LYS C 9 4.68 0.79 -2.92
N LEU C 10 5.79 1.21 -3.52
CA LEU C 10 6.99 1.59 -2.80
C LEU C 10 7.28 3.05 -3.09
N LYS C 11 7.80 3.75 -2.08
CA LYS C 11 8.14 5.16 -2.20
C LYS C 11 9.65 5.28 -2.17
N VAL C 12 10.22 5.84 -3.23
CA VAL C 12 11.66 6.00 -3.34
C VAL C 12 11.98 7.46 -3.09
N ILE C 13 12.78 7.71 -2.05
CA ILE C 13 13.06 9.05 -1.54
C ILE C 13 14.50 9.38 -1.90
N GLY C 14 14.69 10.49 -2.61
CA GLY C 14 16.03 10.93 -2.99
C GLY C 14 16.65 11.87 -1.98
N GLN C 15 17.95 12.15 -2.21
CA GLN C 15 18.69 13.01 -1.30
C GLN C 15 18.08 14.41 -1.21
N ASP C 16 17.39 14.84 -2.27
CA ASP C 16 16.71 16.13 -2.29
C ASP C 16 15.31 16.07 -1.73
N SER C 17 14.92 14.95 -1.10
CA SER C 17 13.62 14.75 -0.49
CA SER C 17 13.62 14.75 -0.49
C SER C 17 12.50 14.54 -1.51
N SER C 18 12.80 14.54 -2.80
CA SER C 18 11.81 14.21 -3.80
C SER C 18 11.43 12.74 -3.69
N GLU C 19 10.24 12.40 -4.19
CA GLU C 19 9.77 11.03 -4.19
C GLU C 19 9.31 10.59 -5.56
N ILE C 20 9.66 9.35 -5.93
CA ILE C 20 9.04 8.66 -7.05
C ILE C 20 8.48 7.37 -6.49
N HIS C 21 7.22 7.08 -6.79
CA HIS C 21 6.57 5.87 -6.29
C HIS C 21 6.49 4.82 -7.38
N PHE C 22 6.56 3.56 -6.97
CA PHE C 22 6.55 2.47 -7.92
C PHE C 22 5.56 1.41 -7.54
N VAL C 24 5.11 -2.41 -7.86
CA VAL C 24 6.06 -3.49 -8.10
C VAL C 24 5.42 -4.82 -7.69
N LYS C 25 5.60 -5.80 -8.53
CA LYS C 25 5.16 -7.17 -8.22
C LYS C 25 6.00 -7.66 -7.04
N MET C 26 5.42 -8.45 -6.13
CA MET C 26 6.16 -8.88 -4.95
C MET C 26 7.37 -9.71 -5.31
N THR C 27 7.39 -10.33 -6.48
CA THR C 27 8.48 -11.20 -6.91
C THR C 27 9.42 -10.58 -7.93
N THR C 28 9.27 -9.29 -8.23
CA THR C 28 10.15 -8.63 -9.18
C THR C 28 11.50 -8.31 -8.54
N HIS C 29 12.57 -8.57 -9.28
CA HIS C 29 13.89 -8.20 -8.81
CA HIS C 29 13.89 -8.20 -8.81
C HIS C 29 14.00 -6.69 -8.78
N LEU C 30 14.46 -6.17 -7.66
CA LEU C 30 14.48 -4.73 -7.46
C LEU C 30 15.50 -4.02 -8.34
N LYS C 31 16.39 -4.73 -9.04
CA LYS C 31 17.18 -4.09 -10.08
C LYS C 31 16.30 -3.32 -11.08
N LYS C 32 15.10 -3.80 -11.27
CA LYS C 32 14.25 -3.11 -12.23
C LYS C 32 13.85 -1.71 -11.72
N LEU C 33 13.63 -1.65 -10.42
CA LEU C 33 13.32 -0.38 -9.81
C LEU C 33 14.53 0.54 -9.84
N LYS C 34 15.72 -0.01 -9.56
CA LYS C 34 16.92 0.81 -9.58
C LYS C 34 17.13 1.41 -10.97
N GLU C 35 16.92 0.59 -12.00
CA GLU C 35 17.13 1.02 -13.38
C GLU C 35 16.14 2.13 -13.74
N SER C 36 14.86 1.94 -13.41
CA SER C 36 13.86 2.95 -13.73
C SER C 36 14.14 4.25 -13.00
N TYR C 37 14.44 4.17 -11.70
CA TYR C 37 14.68 5.37 -10.92
C TYR C 37 15.87 6.15 -11.47
N ALA C 38 16.97 5.45 -11.75
CA ALA C 38 18.15 6.16 -12.25
C ALA C 38 17.85 6.80 -13.59
N GLN C 39 17.10 6.11 -14.43
CA GLN C 39 16.71 6.68 -15.72
C GLN C 39 15.95 7.99 -15.55
N ARG C 40 15.03 8.03 -14.59
CA ARG C 40 14.23 9.22 -14.37
CA ARG C 40 14.23 9.23 -14.39
C ARG C 40 15.05 10.36 -13.76
N GLN C 41 16.08 10.03 -12.99
CA GLN C 41 16.96 11.05 -12.45
C GLN C 41 18.05 11.48 -13.43
N GLY C 42 18.22 10.75 -14.53
CA GLY C 42 19.23 11.10 -15.51
C GLY C 42 20.64 10.86 -15.05
N VAL C 43 20.85 9.82 -14.22
CA VAL C 43 22.19 9.48 -13.71
C VAL C 43 22.42 7.99 -13.89
N PRO C 44 23.68 7.57 -13.94
CA PRO C 44 23.96 6.13 -14.05
C PRO C 44 23.42 5.39 -12.85
N MET C 45 22.82 4.22 -13.08
CA MET C 45 22.37 3.41 -11.97
C MET C 45 23.52 3.11 -11.04
N ASN C 46 24.72 2.93 -11.58
CA ASN C 46 25.87 2.56 -10.77
C ASN C 46 26.35 3.68 -9.87
N SER C 47 25.85 4.90 -10.05
CA SER C 47 26.20 6.03 -9.20
C SER C 47 25.36 6.10 -7.92
N LEU C 48 24.39 5.20 -7.77
CA LEU C 48 23.42 5.26 -6.69
C LEU C 48 23.46 3.96 -5.88
N ARG C 49 23.13 4.09 -4.60
CA ARG C 49 22.85 2.92 -3.78
C ARG C 49 21.45 3.08 -3.21
N PHE C 50 20.75 1.96 -3.09
CA PHE C 50 19.35 1.91 -2.69
C PHE C 50 19.24 1.12 -1.39
N LEU C 51 18.61 1.73 -0.38
CA LEU C 51 18.52 1.12 0.95
C LEU C 51 17.08 0.88 1.36
N PHE C 52 16.85 -0.22 2.06
CA PHE C 52 15.59 -0.50 2.75
C PHE C 52 15.92 -0.77 4.20
N GLU C 53 15.32 -0.02 5.10
CA GLU C 53 15.63 -0.13 6.54
C GLU C 53 17.14 -0.08 6.77
N GLY C 54 17.80 0.80 6.02
CA GLY C 54 19.22 1.02 6.17
C GLY C 54 20.12 -0.03 5.55
N GLN C 55 19.56 -1.07 4.95
CA GLN C 55 20.35 -2.15 4.37
C GLN C 55 20.38 -2.04 2.85
N ARG C 56 21.50 -2.40 2.26
CA ARG C 56 21.62 -2.28 0.83
C ARG C 56 20.71 -3.28 0.11
N ILE C 57 19.92 -2.77 -0.83
CA ILE C 57 19.10 -3.61 -1.68
C ILE C 57 19.94 -4.18 -2.82
N ALA C 58 19.99 -5.50 -2.87
CA ALA C 58 20.67 -6.21 -3.92
C ALA C 58 19.81 -6.24 -5.18
N ASP C 59 20.47 -6.37 -6.32
CA ASP C 59 19.77 -6.45 -7.60
C ASP C 59 18.72 -7.54 -7.60
N ASN C 60 19.02 -8.70 -7.02
CA ASN C 60 18.09 -9.83 -7.06
C ASN C 60 17.15 -9.90 -5.86
N HIS C 61 17.21 -8.93 -4.94
CA HIS C 61 16.22 -8.87 -3.88
C HIS C 61 14.84 -8.56 -4.46
N THR C 62 13.82 -9.17 -3.88
CA THR C 62 12.44 -8.87 -4.24
C THR C 62 11.73 -8.31 -3.02
N PRO C 63 10.62 -7.59 -3.24
CA PRO C 63 9.86 -7.11 -2.09
C PRO C 63 9.44 -8.23 -1.15
N LYS C 64 9.01 -9.35 -1.71
CA LYS C 64 8.63 -10.49 -0.89
C LYS C 64 9.77 -10.93 0.00
N GLU C 65 10.98 -11.04 -0.57
CA GLU C 65 12.11 -11.55 0.20
C GLU C 65 12.45 -10.60 1.34
N LEU C 66 12.40 -9.30 1.07
CA LEU C 66 12.77 -8.31 2.07
C LEU C 66 11.67 -8.04 3.09
N GLY C 67 10.49 -8.62 2.92
CA GLY C 67 9.39 -8.32 3.82
C GLY C 67 8.85 -6.93 3.64
N MET C 68 8.88 -6.40 2.41
CA MET C 68 8.38 -5.07 2.14
C MET C 68 6.86 -5.06 2.17
N GLU C 69 6.32 -3.96 2.63
CA GLU C 69 4.88 -3.79 2.78
C GLU C 69 4.46 -2.52 2.09
N GLU C 70 3.15 -2.43 1.88
CA GLU C 70 2.58 -1.31 1.14
C GLU C 70 3.06 0.02 1.69
N GLU C 71 3.54 0.86 0.78
CA GLU C 71 4.01 2.22 1.05
C GLU C 71 5.35 2.28 1.79
N ASP C 72 6.05 1.16 1.90
CA ASP C 72 7.40 1.20 2.48
C ASP C 72 8.29 2.13 1.66
N VAL C 73 9.33 2.63 2.35
CA VAL C 73 10.27 3.60 1.81
C VAL C 73 11.56 2.88 1.40
N ILE C 74 12.06 3.26 0.24
CA ILE C 74 13.43 2.99 -0.20
C ILE C 74 14.15 4.33 -0.25
N GLU C 75 15.34 4.39 0.36
CA GLU C 75 16.15 5.59 0.35
C GLU C 75 17.22 5.44 -0.71
N VAL C 76 17.51 6.53 -1.42
CA VAL C 76 18.58 6.56 -2.40
C VAL C 76 19.68 7.50 -1.92
N TYR C 77 20.92 6.99 -1.93
CA TYR C 77 22.10 7.77 -1.62
C TYR C 77 23.08 7.64 -2.77
N GLN C 78 24.04 8.55 -2.84
CA GLN C 78 25.11 8.38 -3.81
C GLN C 78 25.94 7.17 -3.42
N GLU C 79 26.41 6.42 -4.42
CA GLU C 79 27.24 5.25 -4.13
C GLU C 79 28.52 5.67 -3.41
N GLU D 4 -0.49 21.03 -3.93
CA GLU D 4 -0.97 19.83 -4.64
C GLU D 4 0.04 19.18 -5.62
N ALA D 5 1.03 18.50 -5.07
CA ALA D 5 2.13 18.03 -5.86
C ALA D 5 1.69 17.06 -6.93
N GLU D 6 2.46 16.99 -8.01
CA GLU D 6 2.19 16.01 -9.00
C GLU D 6 2.66 14.69 -8.42
N GLU D 7 1.72 13.81 -8.31
CA GLU D 7 2.06 12.45 -7.91
CA GLU D 7 2.07 12.45 -7.90
C GLU D 7 2.77 11.74 -9.05
N ARG D 8 3.74 10.90 -8.71
CA ARG D 8 4.50 10.14 -9.70
C ARG D 8 4.48 8.69 -9.26
N ILE D 9 3.71 7.87 -9.97
CA ILE D 9 3.64 6.44 -9.73
C ILE D 9 3.96 5.74 -11.05
N ILE D 10 4.99 4.89 -11.02
CA ILE D 10 5.42 4.14 -12.18
C ILE D 10 5.16 2.67 -11.95
N LEU D 12 6.06 -1.06 -12.69
CA LEU D 12 7.20 -1.86 -13.19
C LEU D 12 6.77 -3.24 -13.65
N ASP D 13 7.34 -3.70 -14.75
CA ASP D 13 7.04 -5.04 -15.25
C ASP D 13 7.61 -6.13 -14.34
#